data_7O26
#
_entry.id   7O26
#
_cell.length_a   50.880
_cell.length_b   79.840
_cell.length_c   86.170
_cell.angle_alpha   90.000
_cell.angle_beta   90.000
_cell.angle_gamma   90.000
#
_symmetry.space_group_name_H-M   'P 21 21 21'
#
loop_
_entity.id
_entity.type
_entity.pdbx_description
1 polymer '[FeFe] hydrogenase maturase subunit HydE'
2 non-polymer CYSTEINE
3 non-polymer 'FE (II) ION'
4 non-polymer 'CARBON MONOXIDE'
5 non-polymer 'CYANIDE ION'
6 non-polymer METHIONINE
7 non-polymer 'HYDROSULFURIC ACID'
8 non-polymer "5'-DEOXYADENOSINE"
9 non-polymer 'FE2/S2 (INORGANIC) CLUSTER'
10 non-polymer GLYCEROL
11 non-polymer 3-[(3-CHOLAMIDOPROPYL)DIMETHYLAMMONIO]-1-PROPANESULFONATE
12 non-polymer 'IRON/SULFUR CLUSTER'
13 non-polymer 'IODIDE ION'
14 non-polymer 'CHLORIDE ION'
15 water water
#
_entity_poly.entity_id   1
_entity_poly.type   'polypeptide(L)'
_entity_poly.pdbx_seq_one_letter_code
;MTGREILEKLERREFTREVLKEALSINDRGFNEALFKLADEIRRKYVGDEVHIRAIIEFSNVCRKNCLYCGLRRDNKNLK
RYRMTPEEIVERARLAVQFGAKTIVLQSGEDPYYMPDVISDIVKEIKKMGVAVTLSLGEWPREYYEKWKEAGADRYLLRH
ETANPVLHRKLRPDTSFENRLN(CSO)LLTLKELGYETGAGSMVGLPGQTIDDLVDDLLFLKEHDFDMVGIGPFIPHPDT
PLANEKKGDFTLTLKMVALTRILLPDSNIPATTAMGTIVPGGREITLRCGANVIMPNWTPSPYRQLYQLYPGKICVFEKD
TACIPCVMKMIELLGRKPGRDWGGRKRVFETV
;
_entity_poly.pdbx_strand_id   A
#
# COMPACT_ATOMS: atom_id res chain seq x y z
N MET A 1 19.82 -17.90 -17.81
CA MET A 1 18.64 -18.59 -18.31
C MET A 1 17.89 -17.74 -19.33
N THR A 2 17.26 -18.41 -20.29
CA THR A 2 16.40 -17.71 -21.22
C THR A 2 15.13 -17.27 -20.50
N GLY A 3 14.44 -16.31 -21.11
CA GLY A 3 13.16 -15.88 -20.57
C GLY A 3 12.16 -17.02 -20.46
N ARG A 4 12.15 -17.92 -21.46
CA ARG A 4 11.24 -19.05 -21.41
C ARG A 4 11.56 -19.96 -20.23
N GLU A 5 12.84 -20.17 -19.94
CA GLU A 5 13.20 -21.02 -18.81
C GLU A 5 12.83 -20.37 -17.48
N ILE A 6 12.96 -19.04 -17.38
CA ILE A 6 12.58 -18.36 -16.15
C ILE A 6 11.09 -18.52 -15.88
N LEU A 7 10.28 -18.33 -16.93
CA LEU A 7 8.83 -18.45 -16.77
C LEU A 7 8.44 -19.87 -16.35
N GLU A 8 9.07 -20.87 -16.97
CA GLU A 8 8.83 -22.26 -16.57
C GLU A 8 9.13 -22.47 -15.09
N LYS A 9 10.24 -21.94 -14.59
CA LYS A 9 10.54 -22.09 -13.18
C LYS A 9 9.54 -21.32 -12.33
N LEU A 10 9.16 -20.12 -12.75
CA LEU A 10 8.13 -19.38 -12.02
C LEU A 10 6.81 -20.14 -11.98
N GLU A 11 6.45 -20.79 -13.09
CA GLU A 11 5.20 -21.55 -13.07
C GLU A 11 5.32 -22.79 -12.19
N ARG A 12 6.51 -23.34 -12.04
CA ARG A 12 6.78 -24.47 -11.16
C ARG A 12 7.11 -24.05 -9.72
N ARG A 13 6.98 -22.76 -9.40
CA ARG A 13 7.22 -22.26 -8.05
C ARG A 13 8.64 -22.55 -7.55
N GLU A 14 9.62 -22.45 -8.45
CA GLU A 14 11.03 -22.57 -8.10
C GLU A 14 11.56 -21.15 -7.95
N PHE A 15 11.40 -20.60 -6.75
CA PHE A 15 11.64 -19.19 -6.47
C PHE A 15 13.04 -18.96 -5.90
N THR A 16 14.06 -19.36 -6.65
CA THR A 16 15.41 -19.12 -6.18
C THR A 16 15.78 -17.66 -6.39
N ARG A 17 16.82 -17.22 -5.70
CA ARG A 17 17.31 -15.86 -5.91
C ARG A 17 17.67 -15.62 -7.37
N GLU A 18 18.38 -16.56 -7.98
CA GLU A 18 18.76 -16.39 -9.38
C GLU A 18 17.55 -16.22 -10.28
N VAL A 19 16.48 -16.99 -10.05
CA VAL A 19 15.29 -16.89 -10.89
C VAL A 19 14.65 -15.52 -10.75
N LEU A 20 14.54 -15.02 -9.52
CA LEU A 20 13.96 -13.71 -9.31
C LEU A 20 14.85 -12.61 -9.86
N LYS A 21 16.16 -12.71 -9.68
CA LYS A 21 17.04 -11.70 -10.25
C LYS A 21 16.98 -11.70 -11.77
N GLU A 22 16.89 -12.88 -12.37
CA GLU A 22 16.80 -12.93 -13.83
C GLU A 22 15.48 -12.37 -14.34
N ALA A 23 14.37 -12.67 -13.64
CA ALA A 23 13.09 -12.09 -14.04
C ALA A 23 13.13 -10.57 -14.00
N LEU A 24 13.84 -10.00 -13.02
CA LEU A 24 13.88 -8.54 -12.90
C LEU A 24 14.91 -7.91 -13.84
N SER A 25 15.84 -8.70 -14.37
CA SER A 25 16.90 -8.17 -15.21
C SER A 25 16.60 -8.28 -16.69
N ILE A 26 15.77 -9.24 -17.09
CA ILE A 26 15.35 -9.33 -18.48
C ILE A 26 14.39 -8.19 -18.77
N ASN A 27 14.62 -7.48 -19.87
CA ASN A 27 13.76 -6.37 -20.29
C ASN A 27 13.05 -6.66 -21.60
N ASP A 28 13.19 -7.88 -22.13
CA ASP A 28 12.47 -8.28 -23.33
C ASP A 28 10.96 -8.11 -23.16
N ARG A 29 10.33 -7.43 -24.14
CA ARG A 29 8.90 -7.20 -24.08
C ARG A 29 8.09 -8.50 -24.05
N GLY A 30 8.48 -9.50 -24.86
CA GLY A 30 7.76 -10.76 -24.84
C GLY A 30 7.80 -11.43 -23.49
N PHE A 31 8.97 -11.42 -22.84
CA PHE A 31 9.08 -11.94 -21.48
C PHE A 31 8.19 -11.16 -20.52
N ASN A 32 8.25 -9.83 -20.57
CA ASN A 32 7.49 -9.05 -19.60
C ASN A 32 6.00 -9.32 -19.73
N GLU A 33 5.50 -9.40 -20.96
CA GLU A 33 4.07 -9.61 -21.14
C GLU A 33 3.65 -11.00 -20.66
N ALA A 34 4.51 -12.00 -20.85
CA ALA A 34 4.19 -13.33 -20.36
C ALA A 34 4.18 -13.38 -18.85
N LEU A 35 5.11 -12.64 -18.21
CA LEU A 35 5.12 -12.52 -16.76
C LEU A 35 3.86 -11.85 -16.26
N PHE A 36 3.46 -10.75 -16.92
CA PHE A 36 2.22 -10.09 -16.51
C PHE A 36 1.02 -11.00 -16.67
N LYS A 37 0.95 -11.72 -17.79
CA LYS A 37 -0.14 -12.66 -18.02
C LYS A 37 -0.20 -13.73 -16.95
N LEU A 38 0.95 -14.28 -16.57
CA LEU A 38 0.99 -15.29 -15.50
C LEU A 38 0.47 -14.72 -14.19
N ALA A 39 0.91 -13.52 -13.81
CA ALA A 39 0.44 -12.97 -12.54
C ALA A 39 -1.06 -12.67 -12.60
N ASP A 40 -1.53 -12.19 -13.75
CA ASP A 40 -2.95 -11.93 -13.92
C ASP A 40 -3.75 -13.22 -13.76
N GLU A 41 -3.25 -14.33 -14.32
CA GLU A 41 -3.97 -15.60 -14.21
CA GLU A 41 -3.96 -15.60 -14.22
C GLU A 41 -3.92 -16.14 -12.80
N ILE A 42 -2.76 -16.02 -12.13
CA ILE A 42 -2.67 -16.46 -10.74
CA ILE A 42 -2.65 -16.45 -10.73
C ILE A 42 -3.61 -15.66 -9.85
N ARG A 43 -3.65 -14.35 -10.05
CA ARG A 43 -4.62 -13.51 -9.34
C ARG A 43 -6.05 -14.01 -9.58
N ARG A 44 -6.43 -14.21 -10.83
CA ARG A 44 -7.78 -14.67 -11.12
C ARG A 44 -8.06 -16.01 -10.43
N LYS A 45 -7.11 -16.94 -10.48
CA LYS A 45 -7.37 -18.26 -9.91
C LYS A 45 -7.49 -18.23 -8.39
N TYR A 46 -6.70 -17.42 -7.71
CA TYR A 46 -6.64 -17.49 -6.26
C TYR A 46 -7.55 -16.48 -5.57
N VAL A 47 -7.64 -15.25 -6.10
CA VAL A 47 -8.44 -14.22 -5.46
C VAL A 47 -9.62 -13.78 -6.30
N GLY A 48 -9.83 -14.34 -7.49
CA GLY A 48 -11.04 -14.05 -8.26
C GLY A 48 -11.06 -12.64 -8.86
N ASP A 49 -12.26 -12.26 -9.35
CA ASP A 49 -12.43 -11.01 -10.09
C ASP A 49 -12.88 -9.84 -9.21
N GLU A 50 -13.14 -10.07 -7.92
CA GLU A 50 -13.52 -8.95 -7.07
CA GLU A 50 -13.52 -8.97 -7.04
C GLU A 50 -12.33 -8.05 -6.82
N VAL A 51 -12.55 -6.75 -6.94
CA VAL A 51 -11.55 -5.75 -6.61
C VAL A 51 -12.06 -5.06 -5.36
N HIS A 52 -11.31 -5.20 -4.28
CA HIS A 52 -11.80 -4.70 -2.98
C HIS A 52 -11.44 -3.22 -2.84
N ILE A 53 -12.41 -2.46 -2.35
CA ILE A 53 -12.29 -1.01 -2.25
C ILE A 53 -11.98 -0.67 -0.80
N ARG A 54 -10.88 0.05 -0.57
CA ARG A 54 -10.50 0.49 0.77
C ARG A 54 -10.48 2.02 0.72
N ALA A 55 -11.43 2.65 1.40
CA ALA A 55 -11.49 4.12 1.37
C ALA A 55 -10.50 4.68 2.37
N ILE A 56 -9.58 5.52 1.88
N ILE A 56 -9.60 5.55 1.91
CA ILE A 56 -8.52 6.09 2.72
CA ILE A 56 -8.51 6.01 2.76
C ILE A 56 -8.93 7.47 3.19
C ILE A 56 -8.77 7.47 3.18
N ILE A 57 -8.78 7.70 4.49
CA ILE A 57 -8.90 9.04 5.06
C ILE A 57 -7.52 9.36 5.64
N GLU A 58 -6.83 10.33 5.00
CA GLU A 58 -5.52 10.82 5.40
C GLU A 58 -5.80 11.94 6.39
N PHE A 59 -5.87 11.60 7.67
CA PHE A 59 -6.53 12.49 8.63
C PHE A 59 -5.60 13.52 9.29
N SER A 60 -4.28 13.37 9.15
CA SER A 60 -3.35 14.35 9.68
C SER A 60 -2.06 14.23 8.87
N ASN A 61 -1.45 15.38 8.51
CA ASN A 61 -0.16 15.34 7.84
C ASN A 61 0.98 15.76 8.76
N VAL A 62 0.72 15.85 10.07
CA VAL A 62 1.78 16.08 11.04
C VAL A 62 2.64 14.83 11.17
N CYS A 63 3.98 15.01 11.16
CA CYS A 63 4.89 13.89 11.38
C CYS A 63 6.10 14.29 12.21
N ARG A 64 6.46 13.41 13.16
CA ARG A 64 7.66 13.55 13.99
C ARG A 64 8.92 13.00 13.32
N LYS A 65 8.79 12.21 12.25
CA LYS A 65 9.93 11.60 11.57
C LYS A 65 10.37 12.45 10.38
N ASN A 66 11.54 12.10 9.83
CA ASN A 66 12.24 12.91 8.85
C ASN A 66 12.68 12.08 7.66
N CYS A 67 11.89 11.09 7.27
CA CYS A 67 12.27 10.23 6.13
C CYS A 67 12.62 11.09 4.91
N LEU A 68 13.72 10.73 4.26
CA LEU A 68 14.32 11.58 3.25
C LEU A 68 13.48 11.68 1.98
N TYR A 69 12.63 10.69 1.72
CA TYR A 69 11.82 10.67 0.51
C TYR A 69 10.48 11.36 0.65
N CYS A 70 10.01 11.61 1.87
CA CYS A 70 8.61 11.91 2.12
C CYS A 70 8.36 13.41 2.27
N GLY A 71 7.37 13.93 1.54
CA GLY A 71 7.00 15.34 1.66
C GLY A 71 6.45 15.77 3.02
N LEU A 72 5.98 14.83 3.85
CA LEU A 72 5.53 15.16 5.21
C LEU A 72 6.65 15.13 6.25
N ARG A 73 7.89 14.86 5.84
CA ARG A 73 9.00 14.85 6.79
C ARG A 73 9.03 16.12 7.63
N ARG A 74 9.47 16.00 8.89
CA ARG A 74 9.28 17.10 9.82
C ARG A 74 10.05 18.35 9.43
N ASP A 75 11.18 18.20 8.71
CA ASP A 75 11.96 19.37 8.29
C ASP A 75 11.32 20.17 7.16
N ASN A 76 10.25 19.67 6.52
CA ASN A 76 9.62 20.42 5.44
C ASN A 76 8.74 21.50 6.04
N LYS A 77 9.24 22.73 6.04
CA LYS A 77 8.47 23.88 6.51
C LYS A 77 7.59 24.48 5.43
N ASN A 78 7.73 24.02 4.18
CA ASN A 78 6.92 24.51 3.06
CA ASN A 78 6.94 24.49 3.04
C ASN A 78 5.62 23.75 2.92
N LEU A 79 4.96 23.47 4.03
CA LEU A 79 3.74 22.68 3.98
C LEU A 79 2.82 23.12 5.09
N LYS A 80 1.55 23.36 4.74
CA LYS A 80 0.54 23.66 5.74
C LYS A 80 0.16 22.35 6.43
N ARG A 81 0.36 22.28 7.74
CA ARG A 81 -0.04 21.09 8.48
C ARG A 81 -1.50 21.18 8.92
N TYR A 82 -2.16 20.02 8.98
CA TYR A 82 -3.56 19.95 9.40
C TYR A 82 -3.79 18.71 10.25
N ARG A 83 -4.85 18.78 11.08
CA ARG A 83 -5.35 17.63 11.83
C ARG A 83 -6.87 17.67 11.76
N MET A 84 -7.49 16.60 11.25
CA MET A 84 -8.93 16.48 11.34
C MET A 84 -9.32 16.16 12.78
N THR A 85 -10.48 16.65 13.19
CA THR A 85 -10.93 16.34 14.54
C THR A 85 -11.49 14.93 14.54
N PRO A 86 -11.59 14.31 15.73
CA PRO A 86 -12.15 12.95 15.77
C PRO A 86 -13.58 12.92 15.24
N GLU A 87 -14.37 13.95 15.49
CA GLU A 87 -15.73 13.96 14.93
C GLU A 87 -15.70 14.04 13.40
N GLU A 88 -14.81 14.84 12.84
CA GLU A 88 -14.70 14.92 11.38
C GLU A 88 -14.28 13.58 10.82
N ILE A 89 -13.36 12.89 11.48
CA ILE A 89 -12.90 11.60 10.97
C ILE A 89 -14.03 10.58 10.98
N VAL A 90 -14.73 10.48 12.12
CA VAL A 90 -15.82 9.51 12.23
C VAL A 90 -16.90 9.80 11.19
N GLU A 91 -17.30 11.06 11.07
CA GLU A 91 -18.37 11.36 10.12
C GLU A 91 -17.92 11.20 8.67
N ARG A 92 -16.64 11.46 8.38
CA ARG A 92 -16.13 11.19 7.04
C ARG A 92 -16.13 9.69 6.75
N ALA A 93 -15.75 8.88 7.74
CA ALA A 93 -15.84 7.42 7.59
C ALA A 93 -17.30 6.98 7.37
N ARG A 94 -18.24 7.54 8.12
CA ARG A 94 -19.66 7.22 7.91
C ARG A 94 -20.09 7.52 6.48
N LEU A 95 -19.66 8.67 5.94
CA LEU A 95 -20.00 8.98 4.56
C LEU A 95 -19.44 7.95 3.59
N ALA A 96 -18.22 7.46 3.83
CA ALA A 96 -17.68 6.40 2.97
C ALA A 96 -18.49 5.12 3.07
N VAL A 97 -18.90 4.73 4.28
CA VAL A 97 -19.75 3.56 4.43
C VAL A 97 -21.07 3.77 3.71
N GLN A 98 -21.63 4.98 3.80
CA GLN A 98 -22.85 5.29 3.07
C GLN A 98 -22.66 5.15 1.56
N PHE A 99 -21.44 5.44 1.06
CA PHE A 99 -21.11 5.26 -0.36
C PHE A 99 -20.70 3.83 -0.69
N GLY A 100 -20.76 2.90 0.25
CA GLY A 100 -20.49 1.50 -0.09
C GLY A 100 -19.13 0.98 0.29
N ALA A 101 -18.28 1.78 0.94
CA ALA A 101 -16.97 1.26 1.31
C ALA A 101 -17.12 0.22 2.40
N LYS A 102 -16.44 -0.92 2.23
CA LYS A 102 -16.45 -2.00 3.20
C LYS A 102 -15.22 -2.05 4.09
N THR A 103 -14.16 -1.29 3.77
CA THR A 103 -12.99 -1.10 4.62
C THR A 103 -12.72 0.39 4.67
N ILE A 104 -12.45 0.90 5.87
CA ILE A 104 -11.99 2.26 6.09
C ILE A 104 -10.52 2.18 6.49
N VAL A 105 -9.67 2.93 5.80
CA VAL A 105 -8.23 3.01 6.12
C VAL A 105 -7.99 4.40 6.71
N LEU A 106 -7.43 4.44 7.90
CA LEU A 106 -7.00 5.69 8.53
C LEU A 106 -5.50 5.76 8.40
N GLN A 107 -5.01 6.78 7.69
CA GLN A 107 -3.57 6.94 7.52
C GLN A 107 -3.15 8.34 7.94
N SER A 108 -1.97 8.43 8.52
CA SER A 108 -1.46 9.75 8.90
C SER A 108 0.06 9.72 8.95
N GLY A 109 0.66 10.90 9.03
CA GLY A 109 2.01 11.01 9.55
C GLY A 109 2.07 10.48 10.97
N GLU A 110 3.30 10.28 11.46
CA GLU A 110 3.45 9.88 12.86
C GLU A 110 3.19 11.10 13.73
N ASP A 111 1.89 11.33 14.01
CA ASP A 111 1.42 12.50 14.73
C ASP A 111 1.09 12.09 16.15
N PRO A 112 1.91 12.46 17.14
CA PRO A 112 1.64 12.02 18.53
C PRO A 112 0.31 12.48 19.11
N TYR A 113 -0.34 13.50 18.56
CA TYR A 113 -1.49 14.10 19.22
C TYR A 113 -2.60 13.07 19.50
N TYR A 114 -2.84 12.15 18.57
CA TYR A 114 -3.93 11.20 18.69
C TYR A 114 -3.58 9.94 19.47
N MET A 115 -2.29 9.73 19.83
CA MET A 115 -1.86 8.36 20.15
C MET A 115 -1.78 8.15 21.65
N PRO A 116 -2.31 7.06 22.21
CA PRO A 116 -3.09 6.03 21.49
C PRO A 116 -4.59 6.24 21.63
N ASP A 117 -5.03 7.06 22.56
CA ASP A 117 -6.41 6.95 23.02
C ASP A 117 -7.42 7.56 22.05
N VAL A 118 -7.08 8.67 21.40
CA VAL A 118 -8.01 9.25 20.42
C VAL A 118 -8.25 8.29 19.28
N ILE A 119 -7.18 7.63 18.80
CA ILE A 119 -7.33 6.61 17.74
C ILE A 119 -8.27 5.51 18.21
N SER A 120 -8.07 5.00 19.44
CA SER A 120 -8.96 3.95 19.94
C SER A 120 -10.42 4.39 19.91
N ASP A 121 -10.70 5.62 20.35
CA ASP A 121 -12.09 6.10 20.35
C ASP A 121 -12.65 6.14 18.94
N ILE A 122 -11.85 6.62 17.97
CA ILE A 122 -12.33 6.74 16.61
C ILE A 122 -12.62 5.36 16.05
N VAL A 123 -11.70 4.42 16.29
CA VAL A 123 -11.84 3.06 15.78
C VAL A 123 -13.10 2.42 16.33
N LYS A 124 -13.35 2.60 17.64
CA LYS A 124 -14.56 2.03 18.22
C LYS A 124 -15.81 2.55 17.53
N GLU A 125 -15.84 3.85 17.23
CA GLU A 125 -17.03 4.43 16.59
C GLU A 125 -17.22 3.92 15.18
N ILE A 126 -16.13 3.79 14.43
CA ILE A 126 -16.23 3.34 13.05
C ILE A 126 -16.65 1.88 13.02
N LYS A 127 -16.09 1.07 13.95
CA LYS A 127 -16.44 -0.35 13.97
C LYS A 127 -17.92 -0.59 14.21
N LYS A 128 -18.63 0.37 14.81
CA LYS A 128 -20.05 0.23 15.01
C LYS A 128 -20.80 0.17 13.69
N MET A 129 -20.17 0.65 12.60
CA MET A 129 -20.76 0.71 11.27
CA MET A 129 -20.84 0.66 11.31
C MET A 129 -20.69 -0.63 10.54
N GLY A 130 -20.08 -1.64 11.12
CA GLY A 130 -20.04 -2.97 10.52
C GLY A 130 -19.08 -3.14 9.37
N VAL A 131 -17.98 -2.39 9.36
CA VAL A 131 -16.97 -2.43 8.32
C VAL A 131 -15.62 -2.81 8.92
N ALA A 132 -14.67 -3.13 8.03
CA ALA A 132 -13.30 -3.41 8.44
C ALA A 132 -12.56 -2.08 8.62
N VAL A 133 -11.67 -2.04 9.61
CA VAL A 133 -10.85 -0.86 9.86
C VAL A 133 -9.38 -1.24 9.70
N THR A 134 -8.66 -0.47 8.87
CA THR A 134 -7.23 -0.64 8.67
C THR A 134 -6.54 0.62 9.15
N LEU A 135 -5.49 0.46 9.93
CA LEU A 135 -4.70 1.60 10.37
C LEU A 135 -3.36 1.61 9.66
N SER A 136 -2.84 2.83 9.45
CA SER A 136 -1.54 3.03 8.79
C SER A 136 -0.98 4.31 9.39
N LEU A 137 -0.45 4.17 10.60
CA LEU A 137 -0.06 5.30 11.43
C LEU A 137 1.42 5.32 11.74
N GLY A 138 2.16 4.32 11.27
CA GLY A 138 3.60 4.29 11.49
C GLY A 138 4.03 3.42 12.66
N GLU A 139 5.18 3.72 13.24
CA GLU A 139 5.82 2.91 14.27
C GLU A 139 5.45 3.44 15.66
N TRP A 140 4.79 2.62 16.46
CA TRP A 140 4.38 3.00 17.81
C TRP A 140 4.63 1.81 18.72
N PRO A 141 4.64 2.01 20.04
CA PRO A 141 4.90 0.91 20.96
C PRO A 141 3.85 -0.19 20.85
N ARG A 142 4.26 -1.42 21.19
CA ARG A 142 3.33 -2.54 21.20
CA ARG A 142 3.33 -2.54 21.19
C ARG A 142 2.07 -2.22 21.99
N GLU A 143 2.22 -1.54 23.13
CA GLU A 143 1.05 -1.16 23.92
C GLU A 143 0.02 -0.40 23.09
N TYR A 144 0.46 0.47 22.16
CA TYR A 144 -0.51 1.20 21.35
C TYR A 144 -1.18 0.26 20.35
N TYR A 145 -0.39 -0.54 19.65
CA TYR A 145 -0.97 -1.51 18.72
C TYR A 145 -1.95 -2.44 19.43
N GLU A 146 -1.65 -2.81 20.68
CA GLU A 146 -2.55 -3.65 21.47
CA GLU A 146 -2.55 -3.65 21.47
CA GLU A 146 -2.56 -3.66 21.44
C GLU A 146 -3.86 -2.93 21.74
N LYS A 147 -3.78 -1.67 22.17
CA LYS A 147 -5.00 -0.91 22.47
C LYS A 147 -5.86 -0.79 21.22
N TRP A 148 -5.24 -0.60 20.06
CA TRP A 148 -6.03 -0.40 18.84
C TRP A 148 -6.68 -1.69 18.38
N LYS A 149 -6.02 -2.83 18.60
CA LYS A 149 -6.62 -4.12 18.29
C LYS A 149 -7.82 -4.41 19.20
N GLU A 150 -7.70 -4.10 20.50
CA GLU A 150 -8.82 -4.29 21.41
C GLU A 150 -9.99 -3.35 21.08
N ALA A 151 -9.70 -2.15 20.57
CA ALA A 151 -10.73 -1.23 20.11
C ALA A 151 -11.42 -1.71 18.85
N GLY A 152 -10.88 -2.71 18.18
CA GLY A 152 -11.54 -3.30 17.03
C GLY A 152 -10.79 -3.20 15.72
N ALA A 153 -9.58 -2.63 15.66
CA ALA A 153 -8.93 -2.51 14.36
C ALA A 153 -8.63 -3.90 13.80
N ASP A 154 -8.81 -4.05 12.48
CA ASP A 154 -8.67 -5.35 11.82
C ASP A 154 -7.32 -5.54 11.15
N ARG A 155 -6.77 -4.47 10.57
CA ARG A 155 -5.59 -4.58 9.73
C ARG A 155 -4.67 -3.41 9.99
N TYR A 156 -3.40 -3.60 9.64
CA TYR A 156 -2.44 -2.51 9.81
C TYR A 156 -1.52 -2.53 8.60
N LEU A 157 -1.36 -1.38 7.94
CA LEU A 157 -0.45 -1.26 6.80
CA LEU A 157 -0.46 -1.25 6.80
C LEU A 157 0.80 -0.53 7.25
N LEU A 158 1.95 -1.24 7.22
CA LEU A 158 3.26 -0.69 7.63
C LEU A 158 4.28 -1.14 6.58
N ARG A 159 4.36 -0.41 5.47
CA ARG A 159 5.24 -0.81 4.39
CA ARG A 159 5.25 -0.78 4.38
C ARG A 159 6.68 -0.88 4.88
N HIS A 160 7.38 -1.96 4.50
CA HIS A 160 8.74 -2.10 5.01
C HIS A 160 9.74 -1.19 4.31
N GLU A 161 9.33 -0.60 3.19
CA GLU A 161 10.04 0.45 2.43
C GLU A 161 11.22 -0.11 1.66
N THR A 162 12.17 -0.71 2.37
CA THR A 162 13.32 -1.37 1.75
C THR A 162 13.89 -2.34 2.77
N ALA A 163 14.17 -3.57 2.31
CA ALA A 163 14.73 -4.61 3.15
C ALA A 163 16.25 -4.49 3.31
N ASN A 164 16.88 -3.53 2.64
CA ASN A 164 18.33 -3.33 2.79
C ASN A 164 18.54 -2.48 4.04
N PRO A 165 19.15 -3.02 5.11
CA PRO A 165 19.20 -2.26 6.37
C PRO A 165 20.07 -1.00 6.28
N VAL A 166 21.12 -1.03 5.48
CA VAL A 166 21.96 0.15 5.35
C VAL A 166 21.19 1.27 4.67
N LEU A 167 20.56 0.97 3.53
CA LEU A 167 19.76 1.97 2.83
C LEU A 167 18.59 2.44 3.68
N HIS A 168 17.94 1.51 4.39
CA HIS A 168 16.79 1.87 5.22
C HIS A 168 17.18 2.92 6.26
N ARG A 169 18.33 2.72 6.90
CA ARG A 169 18.76 3.63 7.96
C ARG A 169 19.14 5.00 7.41
N LYS A 170 19.71 5.06 6.20
CA LYS A 170 20.03 6.36 5.63
C LYS A 170 18.79 7.11 5.16
N LEU A 171 17.77 6.40 4.66
CA LEU A 171 16.56 7.07 4.20
C LEU A 171 15.60 7.37 5.34
N ARG A 172 15.72 6.65 6.44
CA ARG A 172 14.81 6.80 7.58
C ARG A 172 15.67 6.97 8.82
N PRO A 173 16.27 8.15 8.98
CA PRO A 173 17.33 8.32 9.98
C PRO A 173 16.86 8.26 11.43
N ASP A 174 15.54 8.26 11.68
CA ASP A 174 14.99 8.21 13.01
C ASP A 174 14.88 6.78 13.53
N THR A 175 15.07 5.80 12.66
CA THR A 175 14.71 4.43 12.99
C THR A 175 15.57 3.44 12.22
N SER A 176 15.05 2.24 11.96
CA SER A 176 15.88 1.22 11.32
C SER A 176 14.96 0.16 10.75
N PHE A 177 15.52 -0.63 9.82
CA PHE A 177 14.84 -1.81 9.31
C PHE A 177 14.55 -2.81 10.42
N GLU A 178 15.50 -2.97 11.36
CA GLU A 178 15.28 -3.84 12.51
C GLU A 178 14.03 -3.43 13.29
N ASN A 179 13.85 -2.12 13.55
CA ASN A 179 12.64 -1.68 14.25
C ASN A 179 11.40 -1.88 13.40
N ARG A 180 11.50 -1.56 12.10
CA ARG A 180 10.36 -1.76 11.20
C ARG A 180 9.92 -3.21 11.19
N LEU A 181 10.87 -4.15 11.08
CA LEU A 181 10.52 -5.56 11.11
C LEU A 181 9.92 -5.95 12.47
N ASN A 182 10.49 -5.46 13.54
CA ASN A 182 9.93 -5.78 14.85
CA ASN A 182 9.93 -5.77 14.86
C ASN A 182 8.49 -5.30 14.96
N LEU A 184 6.34 -4.99 12.48
CA LEU A 184 5.52 -5.89 11.66
C LEU A 184 5.28 -7.23 12.35
N LEU A 185 6.32 -7.79 12.99
CA LEU A 185 6.12 -9.05 13.71
C LEU A 185 5.20 -8.86 14.91
N THR A 186 5.26 -7.69 15.57
CA THR A 186 4.34 -7.44 16.67
C THR A 186 2.92 -7.37 16.14
N LEU A 187 2.72 -6.68 15.02
CA LEU A 187 1.39 -6.56 14.45
C LEU A 187 0.82 -7.93 14.14
N LYS A 188 1.63 -8.81 13.55
CA LYS A 188 1.16 -10.17 13.24
C LYS A 188 0.82 -10.94 14.50
N GLU A 189 1.67 -10.83 15.53
CA GLU A 189 1.42 -11.57 16.77
C GLU A 189 0.13 -11.12 17.45
N LEU A 190 -0.23 -9.86 17.30
CA LEU A 190 -1.45 -9.32 17.91
C LEU A 190 -2.70 -9.69 17.15
N GLY A 191 -2.57 -10.31 15.98
CA GLY A 191 -3.73 -10.76 15.26
C GLY A 191 -4.17 -9.85 14.14
N TYR A 192 -3.45 -8.75 13.89
CA TYR A 192 -3.82 -7.96 12.74
C TYR A 192 -3.55 -8.70 11.43
N GLU A 193 -4.40 -8.44 10.43
CA GLU A 193 -3.97 -8.67 9.05
CA GLU A 193 -3.98 -8.66 9.05
C GLU A 193 -2.94 -7.60 8.72
N THR A 194 -1.74 -8.02 8.36
CA THR A 194 -0.61 -7.09 8.33
CA THR A 194 -0.61 -7.09 8.33
C THR A 194 -0.11 -6.89 6.90
N GLY A 195 0.13 -5.64 6.54
CA GLY A 195 0.56 -5.26 5.22
C GLY A 195 1.98 -4.70 5.28
N ALA A 196 2.82 -5.19 4.36
CA ALA A 196 4.17 -4.64 4.18
C ALA A 196 4.29 -4.12 2.75
N GLY A 197 5.50 -4.10 2.19
CA GLY A 197 5.66 -3.62 0.83
C GLY A 197 6.72 -2.52 0.73
N SER A 198 7.21 -2.24 -0.46
CA SER A 198 8.41 -1.41 -0.59
C SER A 198 8.21 -0.39 -1.71
N MET A 199 9.11 0.57 -1.78
CA MET A 199 9.16 1.43 -2.95
C MET A 199 10.21 0.88 -3.92
N VAL A 200 10.04 1.20 -5.21
CA VAL A 200 10.91 0.72 -6.28
C VAL A 200 11.59 1.91 -6.94
N GLY A 201 12.91 1.86 -7.07
CA GLY A 201 13.66 2.94 -7.67
C GLY A 201 14.19 3.95 -6.70
N LEU A 202 14.25 3.60 -5.43
CA LEU A 202 14.89 4.50 -4.46
C LEU A 202 16.34 4.77 -4.84
N PRO A 203 16.84 5.97 -4.55
CA PRO A 203 18.26 6.26 -4.79
C PRO A 203 19.14 5.25 -4.05
N GLY A 204 20.09 4.68 -4.79
CA GLY A 204 20.98 3.69 -4.24
C GLY A 204 20.44 2.27 -4.24
N GLN A 205 19.17 2.07 -4.57
CA GLN A 205 18.59 0.74 -4.55
C GLN A 205 18.97 0.00 -5.83
N THR A 206 19.35 -1.27 -5.69
CA THR A 206 19.79 -2.11 -6.81
C THR A 206 18.76 -3.21 -7.10
N ILE A 207 19.00 -3.93 -8.21
CA ILE A 207 18.14 -5.08 -8.52
C ILE A 207 18.26 -6.14 -7.43
N ASP A 208 19.49 -6.32 -6.89
CA ASP A 208 19.66 -7.26 -5.78
C ASP A 208 18.82 -6.85 -4.58
N ASP A 209 18.71 -5.54 -4.31
CA ASP A 209 17.82 -5.07 -3.24
C ASP A 209 16.37 -5.47 -3.49
N LEU A 210 15.91 -5.30 -4.74
CA LEU A 210 14.53 -5.67 -5.06
C LEU A 210 14.29 -7.16 -4.87
N VAL A 211 15.27 -8.00 -5.25
CA VAL A 211 15.14 -9.43 -5.01
C VAL A 211 14.98 -9.71 -3.52
N ASP A 212 15.76 -9.00 -2.70
CA ASP A 212 15.66 -9.18 -1.25
C ASP A 212 14.30 -8.75 -0.74
N ASP A 213 13.73 -7.71 -1.35
CA ASP A 213 12.38 -7.28 -0.97
C ASP A 213 11.38 -8.39 -1.26
N LEU A 214 11.49 -9.00 -2.45
CA LEU A 214 10.61 -10.13 -2.76
C LEU A 214 10.80 -11.29 -1.77
N LEU A 215 12.04 -11.69 -1.49
CA LEU A 215 12.27 -12.80 -0.56
C LEU A 215 11.80 -12.45 0.85
N PHE A 216 11.92 -11.17 1.24
CA PHE A 216 11.41 -10.73 2.53
C PHE A 216 9.90 -10.90 2.59
N LEU A 217 9.19 -10.47 1.54
CA LEU A 217 7.74 -10.60 1.55
C LEU A 217 7.33 -12.06 1.58
N LYS A 218 8.06 -12.89 0.85
CA LYS A 218 7.73 -14.31 0.83
C LYS A 218 8.01 -14.96 2.18
N GLU A 219 9.11 -14.57 2.82
CA GLU A 219 9.50 -15.17 4.10
C GLU A 219 8.40 -14.99 5.14
N HIS A 220 7.79 -13.80 5.22
CA HIS A 220 6.83 -13.47 6.27
C HIS A 220 5.38 -13.66 5.87
N ASP A 221 5.09 -13.97 4.60
CA ASP A 221 3.73 -14.30 4.17
C ASP A 221 2.72 -13.22 4.58
N PHE A 222 3.01 -11.97 4.22
CA PHE A 222 2.14 -10.87 4.62
C PHE A 222 0.76 -11.00 3.98
N ASP A 223 -0.26 -10.53 4.70
CA ASP A 223 -1.63 -10.52 4.18
C ASP A 223 -1.83 -9.49 3.09
N MET A 224 -1.12 -8.36 3.16
CA MET A 224 -1.20 -7.33 2.14
CA MET A 224 -1.20 -7.34 2.13
C MET A 224 0.20 -6.88 1.78
N VAL A 225 0.37 -6.44 0.53
CA VAL A 225 1.66 -5.91 0.09
C VAL A 225 1.42 -4.67 -0.75
N GLY A 226 1.94 -3.53 -0.28
CA GLY A 226 1.76 -2.28 -1.00
C GLY A 226 3.06 -1.87 -1.67
N ILE A 227 3.05 -1.75 -3.00
CA ILE A 227 4.26 -1.52 -3.79
C ILE A 227 4.00 -0.37 -4.74
N GLY A 228 4.96 0.56 -4.84
CA GLY A 228 4.86 1.66 -5.77
C GLY A 228 6.23 2.21 -6.09
N PRO A 229 6.31 3.01 -7.15
CA PRO A 229 7.59 3.63 -7.50
C PRO A 229 7.91 4.78 -6.57
N PHE A 230 9.20 4.98 -6.33
CA PHE A 230 9.64 6.23 -5.69
C PHE A 230 9.37 7.44 -6.60
N ILE A 231 8.76 8.48 -6.05
CA ILE A 231 8.49 9.72 -6.78
C ILE A 231 9.16 10.86 -6.05
N PRO A 232 10.16 11.53 -6.62
CA PRO A 232 10.86 12.58 -5.88
CA PRO A 232 10.87 12.58 -5.89
C PRO A 232 9.97 13.77 -5.59
N HIS A 233 10.14 14.34 -4.40
CA HIS A 233 9.38 15.48 -3.91
C HIS A 233 10.32 16.67 -3.82
N PRO A 234 9.95 17.81 -4.41
CA PRO A 234 10.87 18.94 -4.46
C PRO A 234 11.30 19.48 -3.10
N ASP A 235 10.54 19.24 -2.05
CA ASP A 235 10.87 19.80 -0.74
C ASP A 235 11.53 18.79 0.18
N THR A 236 12.32 17.88 -0.37
CA THR A 236 13.00 16.84 0.37
C THR A 236 14.43 16.72 -0.11
N PRO A 237 15.30 16.05 0.66
CA PRO A 237 16.70 15.91 0.21
C PRO A 237 16.86 15.09 -1.07
N LEU A 238 15.84 14.37 -1.50
CA LEU A 238 15.91 13.53 -2.69
C LEU A 238 15.27 14.19 -3.91
N ALA A 239 15.00 15.49 -3.84
CA ALA A 239 14.32 16.21 -4.92
C ALA A 239 14.92 15.96 -6.30
N ASN A 240 16.25 15.82 -6.39
CA ASN A 240 16.92 15.73 -7.68
C ASN A 240 17.19 14.29 -8.12
N GLU A 241 16.66 13.31 -7.41
CA GLU A 241 16.87 11.92 -7.76
C GLU A 241 15.87 11.48 -8.83
N LYS A 242 16.22 10.42 -9.55
CA LYS A 242 15.35 9.90 -10.59
C LYS A 242 14.15 9.17 -10.01
N LYS A 243 13.01 9.29 -10.68
CA LYS A 243 11.83 8.56 -10.26
C LYS A 243 11.98 7.06 -10.57
N GLY A 244 11.23 6.26 -9.83
CA GLY A 244 11.23 4.83 -10.10
C GLY A 244 10.56 4.51 -11.42
N ASP A 245 11.03 3.42 -12.04
CA ASP A 245 10.51 3.04 -13.35
C ASP A 245 9.20 2.26 -13.21
N PHE A 246 8.20 2.65 -14.00
CA PHE A 246 6.88 2.01 -13.91
C PHE A 246 6.94 0.53 -14.24
N THR A 247 7.63 0.16 -15.33
CA THR A 247 7.60 -1.24 -15.74
C THR A 247 8.28 -2.13 -14.72
N LEU A 248 9.41 -1.67 -14.17
CA LEU A 248 10.09 -2.44 -13.12
C LEU A 248 9.21 -2.58 -11.88
N THR A 249 8.51 -1.51 -11.50
CA THR A 249 7.60 -1.59 -10.35
C THR A 249 6.45 -2.57 -10.64
N LEU A 250 5.94 -2.55 -11.88
CA LEU A 250 4.88 -3.46 -12.27
C LEU A 250 5.36 -4.91 -12.23
N LYS A 251 6.62 -5.14 -12.59
CA LYS A 251 7.16 -6.48 -12.46
C LYS A 251 7.26 -6.91 -11.00
N MET A 252 7.60 -5.99 -10.09
CA MET A 252 7.57 -6.32 -8.67
C MET A 252 6.17 -6.71 -8.20
N VAL A 253 5.13 -6.01 -8.67
CA VAL A 253 3.76 -6.38 -8.31
C VAL A 253 3.45 -7.78 -8.84
N ALA A 254 3.80 -8.04 -10.09
CA ALA A 254 3.49 -9.34 -10.71
C ALA A 254 4.19 -10.47 -9.97
N LEU A 255 5.47 -10.28 -9.64
CA LEU A 255 6.21 -11.31 -8.94
C LEU A 255 5.68 -11.52 -7.53
N THR A 256 5.27 -10.44 -6.86
CA THR A 256 4.64 -10.56 -5.55
C THR A 256 3.38 -11.43 -5.62
N ARG A 257 2.52 -11.19 -6.63
CA ARG A 257 1.35 -12.06 -6.79
C ARG A 257 1.75 -13.52 -7.02
N ILE A 258 2.78 -13.77 -7.85
CA ILE A 258 3.20 -15.14 -8.15
C ILE A 258 3.76 -15.79 -6.89
N LEU A 259 4.48 -15.03 -6.06
CA LEU A 259 5.04 -15.53 -4.81
C LEU A 259 4.00 -15.72 -3.72
N LEU A 260 3.02 -14.82 -3.65
CA LEU A 260 2.04 -14.76 -2.56
C LEU A 260 0.65 -14.78 -3.20
N PRO A 261 0.23 -15.95 -3.71
CA PRO A 261 -0.91 -15.97 -4.65
C PRO A 261 -2.22 -15.59 -3.99
N ASP A 262 -2.38 -15.77 -2.69
CA ASP A 262 -3.65 -15.43 -2.07
C ASP A 262 -3.59 -14.12 -1.28
N SER A 263 -2.57 -13.30 -1.51
CA SER A 263 -2.45 -12.05 -0.74
C SER A 263 -3.31 -10.94 -1.36
N ASN A 264 -3.54 -9.90 -0.58
CA ASN A 264 -4.26 -8.73 -1.08
C ASN A 264 -3.22 -7.69 -1.51
N ILE A 265 -3.30 -7.26 -2.77
CA ILE A 265 -2.24 -6.42 -3.36
C ILE A 265 -2.89 -5.20 -4.00
N PRO A 266 -2.72 -4.01 -3.44
CA PRO A 266 -3.32 -2.82 -4.08
C PRO A 266 -2.61 -2.41 -5.35
N ALA A 267 -3.37 -1.78 -6.25
CA ALA A 267 -2.81 -0.98 -7.34
C ALA A 267 -2.68 0.41 -6.75
N THR A 268 -1.47 0.78 -6.38
CA THR A 268 -1.27 1.91 -5.49
C THR A 268 -1.45 3.25 -6.20
N THR A 269 -1.76 4.27 -5.38
N THR A 269 -1.76 4.28 -5.40
CA THR A 269 -1.91 5.63 -5.89
CA THR A 269 -1.94 5.59 -6.01
C THR A 269 -0.67 6.05 -6.66
C THR A 269 -0.66 6.09 -6.66
N ALA A 270 0.50 5.68 -6.16
CA ALA A 270 1.74 6.08 -6.84
C ALA A 270 1.79 5.49 -8.24
N MET A 271 1.26 4.28 -8.42
CA MET A 271 1.21 3.71 -9.77
C MET A 271 0.34 4.56 -10.68
N GLY A 272 -0.76 5.10 -10.15
CA GLY A 272 -1.61 5.96 -10.96
C GLY A 272 -1.01 7.33 -11.20
N THR A 273 -0.02 7.71 -10.40
CA THR A 273 0.58 9.03 -10.49
C THR A 273 1.68 9.09 -11.55
N ILE A 274 2.52 8.06 -11.66
CA ILE A 274 3.64 8.18 -12.59
CA ILE A 274 3.64 8.19 -12.59
C ILE A 274 3.24 7.91 -14.03
N VAL A 275 2.19 7.11 -14.24
CA VAL A 275 1.73 6.80 -15.60
C VAL A 275 0.21 6.96 -15.61
N PRO A 276 -0.36 7.75 -16.53
CA PRO A 276 -1.82 7.83 -16.61
C PRO A 276 -2.40 6.45 -16.89
N GLY A 277 -3.37 6.05 -16.05
CA GLY A 277 -3.91 4.71 -16.17
C GLY A 277 -3.07 3.63 -15.53
N GLY A 278 -2.08 4.03 -14.72
CA GLY A 278 -1.20 3.03 -14.11
C GLY A 278 -1.88 2.04 -13.19
N ARG A 279 -2.91 2.51 -12.43
CA ARG A 279 -3.59 1.58 -11.53
C ARG A 279 -4.36 0.53 -12.30
N GLU A 280 -5.02 0.91 -13.38
CA GLU A 280 -5.75 -0.05 -14.19
C GLU A 280 -4.83 -1.12 -14.77
N ILE A 281 -3.67 -0.71 -15.29
CA ILE A 281 -2.67 -1.68 -15.72
C ILE A 281 -2.30 -2.62 -14.57
N THR A 282 -2.03 -2.05 -13.40
CA THR A 282 -1.57 -2.87 -12.27
C THR A 282 -2.62 -3.88 -11.84
N LEU A 283 -3.92 -3.50 -11.91
CA LEU A 283 -5.02 -4.42 -11.60
C LEU A 283 -5.09 -5.57 -12.60
N ARG A 284 -4.43 -5.44 -13.75
CA ARG A 284 -4.40 -6.50 -14.74
C ARG A 284 -3.09 -7.25 -14.75
N CYS A 285 -2.21 -6.97 -13.79
CA CYS A 285 -0.92 -7.64 -13.70
C CYS A 285 -0.68 -8.20 -12.31
N GLY A 286 -1.73 -8.49 -11.54
CA GLY A 286 -1.49 -9.07 -10.24
C GLY A 286 -2.26 -8.43 -9.10
N ALA A 287 -2.62 -7.15 -9.23
CA ALA A 287 -3.29 -6.47 -8.11
C ALA A 287 -4.78 -6.78 -8.07
N ASN A 288 -5.35 -6.68 -6.86
CA ASN A 288 -6.77 -6.99 -6.66
C ASN A 288 -7.45 -6.02 -5.68
N VAL A 289 -6.79 -4.92 -5.31
CA VAL A 289 -7.33 -3.96 -4.34
C VAL A 289 -7.12 -2.56 -4.90
N ILE A 290 -8.07 -1.67 -4.62
CA ILE A 290 -7.92 -0.26 -4.98
C ILE A 290 -8.30 0.57 -3.76
N MET A 291 -7.62 1.72 -3.58
CA MET A 291 -7.82 2.54 -2.39
CA MET A 291 -7.78 2.54 -2.38
C MET A 291 -8.13 3.97 -2.77
N PRO A 292 -9.41 4.28 -3.05
CA PRO A 292 -9.78 5.63 -3.47
C PRO A 292 -9.56 6.64 -2.34
N ASN A 293 -9.15 7.85 -2.72
CA ASN A 293 -8.92 8.92 -1.76
C ASN A 293 -10.23 9.41 -1.19
N TRP A 294 -10.39 9.34 0.14
CA TRP A 294 -11.59 9.85 0.76
C TRP A 294 -11.26 10.97 1.74
N THR A 295 -10.09 11.56 1.63
CA THR A 295 -9.77 12.72 2.46
C THR A 295 -10.55 13.92 1.97
N PRO A 296 -11.17 14.69 2.84
CA PRO A 296 -11.97 15.84 2.39
C PRO A 296 -11.10 17.06 2.12
N SER A 297 -11.61 17.92 1.22
CA SER A 297 -11.05 19.27 1.17
C SER A 297 -11.32 19.97 2.50
N PRO A 298 -10.46 20.93 2.91
CA PRO A 298 -9.28 21.44 2.21
C PRO A 298 -8.00 20.67 2.54
N TYR A 299 -8.14 19.51 3.18
CA TYR A 299 -6.98 18.76 3.62
C TYR A 299 -6.37 17.89 2.52
N ARG A 300 -7.19 17.39 1.60
CA ARG A 300 -6.72 16.44 0.59
C ARG A 300 -5.46 16.95 -0.13
N GLN A 301 -5.47 18.23 -0.51
CA GLN A 301 -4.37 18.84 -1.24
C GLN A 301 -3.11 19.01 -0.39
N LEU A 302 -3.20 18.86 0.92
CA LEU A 302 -2.06 19.05 1.83
C LEU A 302 -1.37 17.74 2.19
N TYR A 303 -1.86 16.60 1.73
CA TYR A 303 -1.24 15.33 2.08
C TYR A 303 -0.36 14.92 0.91
N GLN A 304 0.80 15.53 0.84
CA GLN A 304 1.65 15.51 -0.34
C GLN A 304 2.87 14.64 -0.09
N LEU A 305 2.67 13.32 0.02
CA LEU A 305 3.80 12.41 0.17
C LEU A 305 4.78 12.59 -0.99
N TYR A 306 4.26 12.65 -2.20
CA TYR A 306 4.99 12.94 -3.42
C TYR A 306 4.12 13.87 -4.24
N PRO A 307 4.70 14.62 -5.19
CA PRO A 307 3.90 15.54 -5.99
C PRO A 307 3.12 14.83 -7.09
N GLY A 308 2.15 15.55 -7.63
CA GLY A 308 1.30 15.05 -8.69
C GLY A 308 0.23 14.08 -8.25
N LYS A 309 0.04 13.92 -6.94
CA LYS A 309 -0.90 12.94 -6.41
CA LYS A 309 -0.90 12.94 -6.42
C LYS A 309 -2.25 13.07 -7.12
N ILE A 310 -2.73 11.96 -7.71
CA ILE A 310 -4.03 12.02 -8.41
C ILE A 310 -5.15 12.32 -7.42
N CYS A 311 -6.35 12.64 -7.91
N CYS A 311 -6.28 12.78 -7.98
CA CYS A 311 -7.58 12.87 -7.13
CA CYS A 311 -7.56 12.98 -7.32
C CYS A 311 -7.66 14.26 -6.45
C CYS A 311 -7.57 14.15 -6.35
N VAL A 312 -6.61 15.07 -6.48
CA VAL A 312 -6.61 16.28 -5.64
C VAL A 312 -7.65 17.28 -6.11
N PHE A 313 -7.89 17.39 -7.42
CA PHE A 313 -8.82 18.38 -7.95
C PHE A 313 -10.24 17.87 -8.14
N GLU A 314 -10.54 16.65 -7.74
CA GLU A 314 -11.88 16.10 -7.87
C GLU A 314 -12.72 16.49 -6.65
N LYS A 315 -14.04 16.53 -6.84
CA LYS A 315 -14.95 16.74 -5.72
C LYS A 315 -14.70 15.68 -4.66
N ASP A 316 -14.98 15.99 -3.39
CA ASP A 316 -14.42 15.03 -2.46
C ASP A 316 -15.27 13.79 -2.23
N THR A 317 -16.44 13.65 -2.85
CA THR A 317 -17.08 12.35 -2.91
C THR A 317 -16.82 11.59 -4.21
N ALA A 318 -15.92 12.08 -5.07
CA ALA A 318 -15.78 11.58 -6.43
C ALA A 318 -15.07 10.23 -6.52
N CYS A 319 -14.13 9.95 -5.61
CA CYS A 319 -13.18 8.84 -5.81
CA CYS A 319 -13.20 8.84 -5.84
C CYS A 319 -13.82 7.47 -5.65
N ILE A 320 -14.77 7.29 -4.72
CA ILE A 320 -15.43 5.98 -4.65
C ILE A 320 -16.21 5.69 -5.93
N PRO A 321 -17.08 6.57 -6.42
CA PRO A 321 -17.73 6.25 -7.71
C PRO A 321 -16.75 6.07 -8.85
N CYS A 322 -15.66 6.84 -8.86
CA CYS A 322 -14.65 6.72 -9.90
CA CYS A 322 -14.67 6.71 -9.92
CA CYS A 322 -14.66 6.71 -9.91
C CYS A 322 -14.09 5.29 -9.94
N VAL A 323 -13.73 4.75 -8.77
CA VAL A 323 -13.17 3.39 -8.79
C VAL A 323 -14.23 2.33 -9.09
N MET A 324 -15.49 2.58 -8.72
CA MET A 324 -16.53 1.63 -9.09
CA MET A 324 -16.54 1.63 -9.09
C MET A 324 -16.70 1.57 -10.60
N LYS A 325 -16.64 2.72 -11.27
CA LYS A 325 -16.66 2.75 -12.73
C LYS A 325 -15.42 2.06 -13.30
N MET A 326 -14.25 2.28 -12.70
CA MET A 326 -13.03 1.61 -13.14
C MET A 326 -13.17 0.10 -13.08
N ILE A 327 -13.65 -0.42 -11.94
CA ILE A 327 -13.81 -1.86 -11.79
C ILE A 327 -14.76 -2.42 -12.86
N GLU A 328 -15.84 -1.71 -13.16
CA GLU A 328 -16.77 -2.19 -14.18
C GLU A 328 -16.16 -2.15 -15.59
N LEU A 329 -15.48 -1.06 -15.96
CA LEU A 329 -14.88 -1.03 -17.30
C LEU A 329 -13.74 -2.05 -17.45
N LEU A 330 -13.15 -2.47 -16.35
CA LEU A 330 -12.16 -3.54 -16.40
C LEU A 330 -12.81 -4.91 -16.53
N GLY A 331 -14.14 -4.97 -16.46
CA GLY A 331 -14.80 -6.27 -16.46
C GLY A 331 -14.65 -7.04 -15.17
N ARG A 332 -14.41 -6.34 -14.07
CA ARG A 332 -14.22 -6.93 -12.75
C ARG A 332 -15.47 -6.70 -11.91
N LYS A 333 -15.47 -7.21 -10.67
CA LYS A 333 -16.64 -7.11 -9.82
C LYS A 333 -16.30 -6.39 -8.51
N PRO A 334 -17.28 -5.70 -7.93
CA PRO A 334 -17.04 -5.10 -6.60
C PRO A 334 -16.90 -6.18 -5.54
N GLY A 335 -16.05 -5.91 -4.55
CA GLY A 335 -15.97 -6.82 -3.42
C GLY A 335 -17.29 -6.88 -2.67
N ARG A 336 -17.70 -8.10 -2.27
CA ARG A 336 -18.99 -8.31 -1.63
C ARG A 336 -18.92 -8.28 -0.11
N ASP A 337 -17.75 -8.53 0.48
CA ASP A 337 -17.59 -8.58 1.92
C ASP A 337 -16.43 -7.66 2.29
N TRP A 338 -15.82 -7.89 3.45
CA TRP A 338 -14.73 -6.99 3.86
C TRP A 338 -13.46 -7.23 3.07
N GLY A 339 -13.40 -8.30 2.28
CA GLY A 339 -12.18 -8.56 1.53
C GLY A 339 -10.99 -8.96 2.36
N GLY A 340 -11.20 -9.63 3.49
CA GLY A 340 -10.08 -10.19 4.23
C GLY A 340 -9.37 -11.26 3.43
N ARG A 341 -8.11 -11.53 3.82
CA ARG A 341 -7.36 -12.54 3.10
C ARG A 341 -8.05 -13.90 3.25
N LYS A 342 -8.13 -14.66 2.16
CA LYS A 342 -8.74 -15.99 2.14
C LYS A 342 -7.66 -17.00 1.79
N ARG A 343 -7.01 -17.56 2.81
CA ARG A 343 -5.83 -18.40 2.62
C ARG A 343 -6.19 -19.69 1.92
N VAL A 344 -5.44 -20.01 0.86
CA VAL A 344 -5.47 -21.30 0.21
C VAL A 344 -4.20 -22.02 0.61
N PHE A 345 -4.33 -23.03 1.47
CA PHE A 345 -3.17 -23.76 1.97
C PHE A 345 -2.68 -24.73 0.91
N GLU A 346 -1.38 -24.69 0.60
CA GLU A 346 -0.82 -25.58 -0.40
C GLU A 346 0.36 -26.37 0.12
N THR A 347 1.32 -26.66 -0.76
CA THR A 347 2.50 -27.45 -0.46
C THR A 347 3.75 -26.64 -0.74
#